data_5T3A
#
_entry.id   5T3A
#
_cell.length_a   78.050
_cell.length_b   124.830
_cell.length_c   62.380
_cell.angle_alpha   90.00
_cell.angle_beta   90.00
_cell.angle_gamma   90.00
#
_symmetry.space_group_name_H-M   'C 2 2 21'
#
loop_
_entity.id
_entity.type
_entity.pdbx_description
1 polymer integrase
2 non-polymer 'ACETATE ION'
3 non-polymer '2-(N-MORPHOLINO)-ETHANESULFONIC ACID'
4 water water
#
_entity_poly.entity_id   1
_entity_poly.type   'polypeptide(L)'
_entity_poly.pdbx_seq_one_letter_code
;IDHWQVDYTHYEDKIILVWVETNSGLIYAERVKGETGQEFRVQTMKWYAMFAPKSLQSDNGPAFVAESTQLLMKYLGIEH
TTGIPWNPQSQALVERTHQTLKNTLEKLIPMFNAFESALAGTLITLNIKRKGGLGTSPMDIFIFNKEQQRIQQQSKSKQE
KIRFCYYRTRKRGHPGEWQGPTQVLWGGDGAIVVKDRGTDRYLVIANKDVKFIPPPKEIQKE
;
_entity_poly.pdbx_strand_id   A
#
# COMPACT_ATOMS: atom_id res chain seq x y z
N ILE A 1 -7.90 -4.92 -9.60
CA ILE A 1 -7.98 -3.58 -9.04
C ILE A 1 -7.06 -3.48 -7.83
N ASP A 2 -7.63 -3.65 -6.64
CA ASP A 2 -6.88 -3.80 -5.38
C ASP A 2 -7.37 -5.05 -4.66
N HIS A 3 -7.44 -6.16 -5.39
CA HIS A 3 -8.02 -7.40 -4.88
C HIS A 3 -6.93 -8.29 -4.29
N TRP A 4 -7.24 -8.90 -3.15
CA TRP A 4 -6.29 -9.71 -2.41
C TRP A 4 -6.88 -11.08 -2.08
N GLN A 5 -6.00 -12.02 -1.77
CA GLN A 5 -6.37 -13.31 -1.17
C GLN A 5 -5.52 -13.52 0.07
N VAL A 6 -6.12 -14.11 1.10
CA VAL A 6 -5.43 -14.36 2.36
C VAL A 6 -5.53 -15.85 2.69
N ASP A 7 -4.45 -16.39 3.26
CA ASP A 7 -4.39 -17.79 3.65
C ASP A 7 -3.52 -17.94 4.89
N TYR A 8 -3.82 -18.94 5.70
CA TYR A 8 -2.89 -19.39 6.72
C TYR A 8 -1.96 -20.44 6.12
N THR A 9 -0.67 -20.33 6.43
CA THR A 9 0.36 -21.22 5.91
C THR A 9 1.14 -21.82 7.05
N HIS A 10 1.62 -23.04 6.86
CA HIS A 10 2.46 -23.73 7.83
C HIS A 10 3.88 -23.88 7.31
N TYR A 11 4.85 -23.59 8.17
CA TYR A 11 6.26 -23.78 7.85
C TYR A 11 6.94 -24.34 9.11
N GLU A 12 7.37 -25.60 9.04
CA GLU A 12 7.87 -26.32 10.20
C GLU A 12 6.88 -26.19 11.34
N ASP A 13 7.31 -25.62 12.48
CA ASP A 13 6.42 -25.42 13.62
C ASP A 13 5.94 -23.98 13.75
N LYS A 14 5.75 -23.28 12.63
CA LYS A 14 5.37 -21.89 12.65
C LYS A 14 4.17 -21.65 11.73
N ILE A 15 3.37 -20.65 12.08
CA ILE A 15 2.16 -20.29 11.37
C ILE A 15 2.35 -18.91 10.76
N ILE A 16 2.14 -18.79 9.46
CA ILE A 16 2.36 -17.55 8.73
C ILE A 16 1.07 -17.17 8.00
N LEU A 17 0.59 -15.95 8.25
CA LEU A 17 -0.55 -15.41 7.54
C LEU A 17 -0.05 -14.72 6.27
N VAL A 18 -0.53 -15.17 5.11
CA VAL A 18 0.02 -14.76 3.82
C VAL A 18 -1.08 -14.05 3.03
N TRP A 19 -0.80 -12.80 2.66
CA TRP A 19 -1.65 -12.03 1.77
C TRP A 19 -0.97 -11.88 0.42
N VAL A 20 -1.73 -12.03 -0.67
CA VAL A 20 -1.23 -11.90 -2.03
C VAL A 20 -2.21 -11.04 -2.83
N GLU A 21 -1.68 -10.02 -3.51
CA GLU A 21 -2.49 -9.14 -4.35
C GLU A 21 -2.52 -9.70 -5.76
N THR A 22 -3.72 -10.00 -6.25
CA THR A 22 -3.87 -10.83 -7.44
C THR A 22 -3.61 -10.09 -8.75
N ASN A 23 -3.33 -8.79 -8.71
CA ASN A 23 -3.03 -8.06 -9.94
C ASN A 23 -1.54 -7.84 -10.15
N SER A 24 -0.80 -7.59 -9.07
CA SER A 24 0.62 -7.28 -9.17
C SER A 24 1.53 -8.36 -8.60
N GLY A 25 0.97 -9.35 -7.90
CA GLY A 25 1.80 -10.34 -7.24
C GLY A 25 2.44 -9.86 -5.96
N LEU A 26 2.10 -8.67 -5.47
CA LEU A 26 2.65 -8.17 -4.23
C LEU A 26 2.27 -9.11 -3.07
N ILE A 27 3.19 -9.26 -2.13
CA ILE A 27 3.02 -10.21 -1.04
CA ILE A 27 3.05 -10.23 -1.04
C ILE A 27 3.20 -9.50 0.29
N TYR A 28 2.46 -9.96 1.29
CA TYR A 28 2.60 -9.49 2.66
C TYR A 28 2.40 -10.68 3.58
N ALA A 29 3.32 -10.87 4.53
CA ALA A 29 3.31 -12.04 5.37
C ALA A 29 3.78 -11.67 6.77
N GLU A 30 3.31 -12.43 7.76
CA GLU A 30 3.65 -12.18 9.15
C GLU A 30 3.37 -13.43 9.97
N ARG A 31 4.27 -13.74 10.89
CA ARG A 31 4.10 -14.89 11.78
C ARG A 31 3.06 -14.58 12.84
N VAL A 32 2.18 -15.56 13.10
CA VAL A 32 1.12 -15.42 14.09
C VAL A 32 1.21 -16.58 15.07
N LYS A 33 0.54 -16.41 16.21
CA LYS A 33 0.56 -17.43 17.25
C LYS A 33 -0.47 -18.53 16.98
N GLY A 34 -1.63 -18.16 16.43
CA GLY A 34 -2.67 -19.13 16.14
C GLY A 34 -3.59 -18.68 15.04
N GLU A 35 -4.78 -19.30 14.95
CA GLU A 35 -5.75 -19.00 13.91
C GLU A 35 -7.05 -18.43 14.49
N THR A 36 -6.97 -17.77 15.64
CA THR A 36 -8.17 -17.20 16.23
C THR A 36 -8.59 -15.94 15.49
N GLY A 37 -9.88 -15.62 15.61
CA GLY A 37 -10.41 -14.45 14.93
C GLY A 37 -9.92 -13.14 15.50
N GLN A 38 -9.60 -13.11 16.79
CA GLN A 38 -9.12 -11.87 17.41
C GLN A 38 -7.76 -11.48 16.84
N GLU A 39 -6.81 -12.40 16.80
CA GLU A 39 -5.52 -12.08 16.23
C GLU A 39 -5.62 -11.79 14.73
N PHE A 40 -6.56 -12.43 14.04
CA PHE A 40 -6.75 -12.12 12.63
C PHE A 40 -7.25 -10.70 12.43
N ARG A 41 -8.07 -10.20 13.35
CA ARG A 41 -8.53 -8.82 13.23
C ARG A 41 -7.39 -7.84 13.52
N VAL A 42 -6.47 -8.21 14.40
CA VAL A 42 -5.28 -7.39 14.63
C VAL A 42 -4.45 -7.30 13.35
N GLN A 43 -4.15 -8.46 12.75
CA GLN A 43 -3.41 -8.48 11.49
C GLN A 43 -4.16 -7.75 10.39
N THR A 44 -5.50 -7.78 10.43
CA THR A 44 -6.29 -7.10 9.41
C THR A 44 -6.08 -5.59 9.46
N MET A 45 -5.92 -5.03 10.66
CA MET A 45 -5.68 -3.60 10.79
C MET A 45 -4.32 -3.23 10.21
N LYS A 46 -3.28 -4.00 10.55
CA LYS A 46 -1.95 -3.71 10.04
C LYS A 46 -1.90 -3.82 8.52
N TRP A 47 -2.64 -4.78 7.97
CA TRP A 47 -2.68 -4.96 6.52
C TRP A 47 -3.35 -3.78 5.84
N TYR A 48 -4.49 -3.32 6.37
CA TYR A 48 -5.19 -2.20 5.75
C TYR A 48 -4.37 -0.93 5.83
N ALA A 49 -3.69 -0.70 6.95
CA ALA A 49 -2.90 0.51 7.11
C ALA A 49 -1.83 0.63 6.03
N MET A 50 -1.34 -0.50 5.53
CA MET A 50 -0.20 -0.45 4.61
C MET A 50 -0.64 -0.29 3.16
N PHE A 51 -1.77 -0.88 2.77
CA PHE A 51 -2.08 -1.02 1.36
C PHE A 51 -3.41 -0.43 0.92
N ALA A 52 -4.29 -0.04 1.84
CA ALA A 52 -5.60 0.50 1.51
C ALA A 52 -6.35 -0.35 0.49
N PRO A 53 -6.67 -1.60 0.83
CA PRO A 53 -7.30 -2.50 -0.14
C PRO A 53 -8.80 -2.25 -0.28
N LYS A 54 -9.38 -2.95 -1.25
CA LYS A 54 -10.79 -2.79 -1.58
C LYS A 54 -11.59 -4.08 -1.50
N SER A 55 -11.01 -5.22 -1.87
CA SER A 55 -11.73 -6.48 -1.90
C SER A 55 -10.80 -7.61 -1.49
N LEU A 56 -11.41 -8.71 -1.03
CA LEU A 56 -10.65 -9.80 -0.43
C LEU A 56 -11.40 -11.12 -0.65
N GLN A 57 -10.63 -12.18 -0.89
CA GLN A 57 -11.18 -13.52 -0.99
C GLN A 57 -10.41 -14.45 -0.04
N SER A 58 -11.15 -15.37 0.58
CA SER A 58 -10.58 -16.36 1.48
C SER A 58 -11.49 -17.57 1.48
N ASP A 59 -11.05 -18.64 2.14
CA ASP A 59 -11.94 -19.76 2.36
C ASP A 59 -12.84 -19.46 3.56
N ASN A 60 -13.69 -20.40 3.93
CA ASN A 60 -14.62 -20.16 5.03
C ASN A 60 -14.09 -20.63 6.38
N GLY A 61 -12.80 -20.37 6.66
CA GLY A 61 -12.24 -20.66 7.95
C GLY A 61 -12.90 -19.86 9.05
N PRO A 62 -12.81 -20.34 10.29
CA PRO A 62 -13.55 -19.68 11.38
C PRO A 62 -13.17 -18.23 11.61
N ALA A 63 -11.87 -17.92 11.60
CA ALA A 63 -11.44 -16.53 11.79
C ALA A 63 -11.97 -15.61 10.69
N PHE A 64 -12.28 -16.16 9.52
CA PHE A 64 -12.73 -15.36 8.39
C PHE A 64 -14.24 -15.15 8.38
N VAL A 65 -15.02 -16.08 8.96
CA VAL A 65 -16.48 -15.98 8.92
C VAL A 65 -17.07 -15.47 10.22
N ALA A 66 -16.27 -15.24 11.26
CA ALA A 66 -16.79 -14.71 12.51
C ALA A 66 -17.51 -13.40 12.27
N GLU A 67 -18.51 -13.13 13.12
CA GLU A 67 -19.33 -11.93 12.93
C GLU A 67 -18.52 -10.66 13.10
N SER A 68 -17.62 -10.63 14.09
CA SER A 68 -16.79 -9.45 14.29
C SER A 68 -15.87 -9.18 13.09
N THR A 69 -15.39 -10.23 12.44
CA THR A 69 -14.57 -10.04 11.25
C THR A 69 -15.37 -9.43 10.11
N GLN A 70 -16.61 -9.92 9.90
CA GLN A 70 -17.46 -9.36 8.85
C GLN A 70 -17.75 -7.89 9.10
N LEU A 71 -18.05 -7.53 10.36
CA LEU A 71 -18.33 -6.13 10.68
C LEU A 71 -17.10 -5.26 10.52
N LEU A 72 -15.91 -5.81 10.84
CA LEU A 72 -14.68 -5.05 10.66
C LEU A 72 -14.40 -4.79 9.18
N MET A 73 -14.57 -5.81 8.35
CA MET A 73 -14.41 -5.62 6.90
C MET A 73 -15.32 -4.53 6.39
N LYS A 74 -16.60 -4.58 6.77
CA LYS A 74 -17.53 -3.53 6.36
C LYS A 74 -17.13 -2.17 6.92
N TYR A 75 -16.59 -2.15 8.13
CA TYR A 75 -16.19 -0.88 8.74
C TYR A 75 -15.05 -0.22 7.97
N LEU A 76 -14.16 -1.00 7.39
CA LEU A 76 -13.03 -0.48 6.63
C LEU A 76 -13.33 -0.34 5.14
N GLY A 77 -14.56 -0.63 4.71
CA GLY A 77 -14.93 -0.49 3.31
C GLY A 77 -14.42 -1.61 2.42
N ILE A 78 -14.26 -2.81 2.96
CA ILE A 78 -13.70 -3.94 2.23
C ILE A 78 -14.81 -4.92 1.89
N GLU A 79 -14.92 -5.26 0.61
CA GLU A 79 -15.84 -6.30 0.15
C GLU A 79 -15.14 -7.64 0.32
N HIS A 80 -15.52 -8.39 1.36
CA HIS A 80 -14.90 -9.66 1.69
C HIS A 80 -15.82 -10.80 1.29
N THR A 81 -15.35 -11.65 0.38
CA THR A 81 -16.11 -12.81 -0.11
C THR A 81 -15.44 -14.07 0.42
N THR A 82 -16.12 -14.74 1.34
CA THR A 82 -15.66 -16.04 1.80
C THR A 82 -15.94 -17.09 0.72
N GLY A 83 -15.05 -18.07 0.63
CA GLY A 83 -15.11 -19.04 -0.45
C GLY A 83 -14.34 -18.56 -1.66
N ILE A 84 -13.36 -19.35 -2.10
CA ILE A 84 -12.52 -18.95 -3.22
C ILE A 84 -13.29 -19.19 -4.52
N PRO A 85 -13.34 -18.22 -5.42
CA PRO A 85 -14.04 -18.40 -6.69
C PRO A 85 -13.17 -19.14 -7.71
N TRP A 86 -13.77 -19.42 -8.86
CA TRP A 86 -13.06 -20.05 -9.98
C TRP A 86 -12.47 -18.96 -10.86
N ASN A 87 -11.14 -18.89 -10.91
CA ASN A 87 -10.42 -17.92 -11.71
C ASN A 87 -9.03 -18.48 -12.01
N PRO A 88 -8.76 -18.89 -13.25
CA PRO A 88 -7.46 -19.50 -13.54
C PRO A 88 -6.29 -18.54 -13.41
N GLN A 89 -6.47 -17.26 -13.76
CA GLN A 89 -5.35 -16.33 -13.71
C GLN A 89 -4.86 -16.11 -12.28
N SER A 90 -5.79 -15.89 -11.35
CA SER A 90 -5.39 -15.61 -9.97
C SER A 90 -4.99 -16.88 -9.22
N GLN A 91 -5.67 -17.99 -9.49
CA GLN A 91 -5.34 -19.24 -8.81
C GLN A 91 -3.94 -19.72 -9.18
N ALA A 92 -3.54 -19.52 -10.42
CA ALA A 92 -2.19 -19.92 -10.84
C ALA A 92 -1.13 -19.02 -10.22
N LEU A 93 -1.42 -17.72 -10.11
CA LEU A 93 -0.46 -16.79 -9.54
C LEU A 93 -0.29 -17.02 -8.04
N VAL A 94 -1.38 -17.33 -7.33
CA VAL A 94 -1.30 -17.60 -5.90
C VAL A 94 -0.45 -18.85 -5.65
N GLU A 95 -0.63 -19.88 -6.48
CA GLU A 95 0.09 -21.14 -6.26
C GLU A 95 1.59 -20.95 -6.45
N ARG A 96 1.99 -20.31 -7.56
CA ARG A 96 3.40 -20.00 -7.77
C ARG A 96 3.97 -19.18 -6.62
N THR A 97 3.22 -18.16 -6.19
CA THR A 97 3.70 -17.26 -5.15
C THR A 97 3.95 -18.00 -3.84
N HIS A 98 3.05 -18.90 -3.46
CA HIS A 98 3.22 -19.65 -2.22
C HIS A 98 4.44 -20.56 -2.28
N GLN A 99 4.66 -21.20 -3.44
CA GLN A 99 5.81 -22.09 -3.56
C GLN A 99 7.12 -21.33 -3.50
N THR A 100 7.21 -20.19 -4.19
CA THR A 100 8.43 -19.39 -4.18
C THR A 100 8.75 -18.88 -2.78
N LEU A 101 7.72 -18.52 -2.00
CA LEU A 101 7.95 -18.05 -0.64
C LEU A 101 8.65 -19.10 0.21
N LYS A 102 8.13 -20.33 0.19
CA LYS A 102 8.72 -21.39 0.99
C LYS A 102 10.16 -21.67 0.56
N ASN A 103 10.41 -21.69 -0.75
CA ASN A 103 11.76 -21.94 -1.24
C ASN A 103 12.72 -20.82 -0.83
N THR A 104 12.28 -19.57 -0.91
CA THR A 104 13.14 -18.45 -0.54
C THR A 104 13.40 -18.42 0.96
N LEU A 105 12.37 -18.69 1.76
CA LEU A 105 12.53 -18.71 3.21
C LEU A 105 13.55 -19.77 3.63
N GLU A 106 13.62 -20.88 2.90
CA GLU A 106 14.56 -21.95 3.23
C GLU A 106 16.00 -21.46 3.14
N LYS A 107 16.30 -20.59 2.18
CA LYS A 107 17.67 -20.11 2.01
C LYS A 107 18.03 -19.03 3.02
N LEU A 108 17.09 -18.14 3.32
CA LEU A 108 17.40 -16.94 4.10
C LEU A 108 17.36 -17.18 5.61
N ILE A 109 16.78 -18.29 6.07
CA ILE A 109 16.76 -18.57 7.50
C ILE A 109 18.17 -18.66 8.11
N PRO A 110 19.11 -19.42 7.53
CA PRO A 110 20.44 -19.51 8.17
C PRO A 110 21.24 -18.22 8.15
N MET A 111 20.84 -17.20 7.40
CA MET A 111 21.60 -15.96 7.35
C MET A 111 21.31 -15.07 8.55
N PHE A 112 20.10 -15.15 9.11
CA PHE A 112 19.66 -14.22 10.14
C PHE A 112 19.46 -14.93 11.48
N ASN A 113 19.52 -14.13 12.54
CA ASN A 113 19.29 -14.64 13.89
C ASN A 113 17.82 -14.93 14.14
N ALA A 114 16.94 -14.09 13.60
CA ALA A 114 15.52 -14.14 13.89
C ALA A 114 14.72 -14.59 12.68
N PHE A 115 13.73 -15.45 12.92
CA PHE A 115 12.82 -15.86 11.85
C PHE A 115 12.11 -14.66 11.22
N GLU A 116 11.84 -13.62 12.01
CA GLU A 116 11.18 -12.43 11.48
C GLU A 116 12.06 -11.72 10.45
N SER A 117 13.38 -11.72 10.68
CA SER A 117 14.28 -11.10 9.72
C SER A 117 14.33 -11.89 8.41
N ALA A 118 14.40 -13.21 8.51
CA ALA A 118 14.41 -14.05 7.31
C ALA A 118 13.12 -13.86 6.50
N LEU A 119 11.98 -13.75 7.20
CA LEU A 119 10.72 -13.52 6.50
C LEU A 119 10.70 -12.13 5.86
N ALA A 120 11.24 -11.12 6.55
CA ALA A 120 11.30 -9.79 5.99
C ALA A 120 12.25 -9.72 4.79
N GLY A 121 13.42 -10.37 4.90
CA GLY A 121 14.31 -10.45 3.77
C GLY A 121 13.69 -11.17 2.59
N THR A 122 12.83 -12.16 2.86
CA THR A 122 12.13 -12.85 1.80
C THR A 122 11.17 -11.93 1.06
N LEU A 123 10.44 -11.08 1.80
CA LEU A 123 9.56 -10.11 1.16
C LEU A 123 10.34 -9.15 0.27
N ILE A 124 11.52 -8.71 0.74
CA ILE A 124 12.37 -7.86 -0.07
C ILE A 124 12.70 -8.52 -1.40
N THR A 125 13.16 -9.77 -1.34
CA THR A 125 13.59 -10.49 -2.53
C THR A 125 12.46 -10.58 -3.55
N LEU A 126 11.25 -10.90 -3.10
CA LEU A 126 10.15 -11.16 -4.02
C LEU A 126 9.48 -9.88 -4.49
N ASN A 127 9.35 -8.89 -3.60
CA ASN A 127 8.58 -7.70 -3.96
C ASN A 127 9.45 -6.65 -4.65
N ILE A 128 10.71 -6.53 -4.26
CA ILE A 128 11.57 -5.43 -4.69
C ILE A 128 12.59 -5.88 -5.72
N LYS A 129 13.26 -7.00 -5.47
CA LYS A 129 14.45 -7.33 -6.25
C LYS A 129 14.12 -7.89 -7.62
N ARG A 130 13.26 -8.92 -7.69
CA ARG A 130 13.02 -9.58 -8.95
C ARG A 130 12.23 -8.68 -9.90
N LYS A 131 12.66 -8.67 -11.17
CA LYS A 131 12.05 -7.84 -12.20
C LYS A 131 11.40 -8.72 -13.26
N GLY A 132 10.24 -8.29 -13.75
CA GLY A 132 9.51 -9.04 -14.75
C GLY A 132 10.06 -8.83 -16.15
N GLY A 133 9.21 -9.13 -17.13
CA GLY A 133 9.60 -8.99 -18.52
C GLY A 133 9.84 -7.55 -18.93
N LEU A 134 9.07 -6.61 -18.37
CA LEU A 134 9.24 -5.19 -18.62
C LEU A 134 10.20 -4.52 -17.65
N GLY A 135 10.91 -5.30 -16.84
CA GLY A 135 11.85 -4.74 -15.90
C GLY A 135 11.24 -4.09 -14.68
N THR A 136 9.96 -4.32 -14.41
CA THR A 136 9.29 -3.77 -13.25
C THR A 136 9.04 -4.86 -12.22
N SER A 137 9.22 -4.52 -10.94
CA SER A 137 9.00 -5.45 -9.85
C SER A 137 7.52 -5.48 -9.49
N PRO A 138 7.10 -6.43 -8.66
CA PRO A 138 5.71 -6.40 -8.17
C PRO A 138 5.36 -5.12 -7.43
N MET A 139 6.29 -4.55 -6.66
CA MET A 139 6.00 -3.31 -5.96
C MET A 139 5.93 -2.12 -6.92
N ASP A 140 6.75 -2.12 -7.97
CA ASP A 140 6.59 -1.12 -9.02
C ASP A 140 5.19 -1.15 -9.61
N ILE A 141 4.66 -2.35 -9.86
CA ILE A 141 3.34 -2.48 -10.47
C ILE A 141 2.25 -2.04 -9.49
N PHE A 142 2.37 -2.46 -8.23
CA PHE A 142 1.38 -2.07 -7.23
C PHE A 142 1.27 -0.54 -7.12
N ILE A 143 2.42 0.13 -7.03
CA ILE A 143 2.42 1.58 -6.91
C ILE A 143 1.84 2.23 -8.15
N PHE A 144 2.29 1.78 -9.33
CA PHE A 144 1.76 2.33 -10.59
C PHE A 144 0.25 2.21 -10.65
N ASN A 145 -0.30 1.09 -10.15
CA ASN A 145 -1.76 0.94 -10.14
C ASN A 145 -2.42 1.93 -9.20
N LYS A 146 -1.77 2.23 -8.07
CA LYS A 146 -2.31 3.21 -7.13
C LYS A 146 -2.39 4.59 -7.78
N GLU A 147 -1.30 5.04 -8.40
CA GLU A 147 -1.25 6.38 -8.97
C GLU A 147 -2.23 6.52 -10.14
N GLN A 148 -2.56 5.42 -10.81
CA GLN A 148 -3.53 5.50 -11.90
C GLN A 148 -4.93 5.76 -11.36
N GLN A 149 -5.27 5.19 -10.21
CA GLN A 149 -6.59 5.42 -9.63
C GLN A 149 -6.74 6.85 -9.14
N ARG A 150 -5.67 7.45 -8.63
CA ARG A 150 -5.77 8.81 -8.12
C ARG A 150 -5.96 9.81 -9.24
N ILE A 151 -5.22 9.65 -10.35
CA ILE A 151 -5.41 10.51 -11.51
C ILE A 151 -6.85 10.41 -12.02
N GLN A 152 -7.49 9.25 -11.84
CA GLN A 152 -8.83 9.04 -12.35
C GLN A 152 -9.82 10.00 -11.70
N GLN A 153 -9.96 9.95 -10.38
CA GLN A 153 -10.92 10.82 -9.70
C GLN A 153 -10.47 12.27 -9.72
N GLN A 154 -9.16 12.52 -9.67
CA GLN A 154 -8.65 13.89 -9.69
C GLN A 154 -8.99 14.59 -11.00
N SER A 155 -8.87 13.88 -12.12
CA SER A 155 -9.20 14.48 -13.41
C SER A 155 -10.71 14.64 -13.57
N LYS A 156 -11.49 13.72 -13.02
CA LYS A 156 -12.94 13.83 -13.12
C LYS A 156 -13.46 15.07 -12.39
N SER A 157 -12.72 15.54 -11.39
CA SER A 157 -13.10 16.74 -10.65
C SER A 157 -12.93 17.98 -11.53
N ILE A 162 -11.59 28.14 -4.61
CA ILE A 162 -10.55 29.17 -4.49
C ILE A 162 -9.77 28.98 -3.19
N ARG A 163 -8.46 28.84 -3.32
CA ARG A 163 -7.58 28.58 -2.18
C ARG A 163 -6.63 29.75 -1.97
N PHE A 164 -6.20 29.90 -0.71
CA PHE A 164 -5.19 30.88 -0.33
C PHE A 164 -4.17 30.18 0.56
N CYS A 165 -2.97 30.75 0.65
CA CYS A 165 -1.88 30.07 1.31
C CYS A 165 -0.80 31.05 1.71
N TYR A 166 0.12 30.57 2.55
CA TYR A 166 1.44 31.15 2.71
C TYR A 166 2.43 30.35 1.87
N TYR A 167 3.52 31.00 1.49
CA TYR A 167 4.52 30.34 0.67
C TYR A 167 5.90 30.90 1.00
N ARG A 168 6.93 30.17 0.58
CA ARG A 168 8.30 30.59 0.79
C ARG A 168 9.16 30.06 -0.35
N THR A 169 10.25 30.76 -0.63
CA THR A 169 11.18 30.40 -1.68
C THR A 169 12.47 29.87 -1.08
N ARG A 170 13.28 29.23 -1.92
CA ARG A 170 14.56 28.66 -1.50
C ARG A 170 15.67 29.23 -2.37
N LYS A 171 16.71 29.75 -1.73
CA LYS A 171 17.90 30.24 -2.42
C LYS A 171 19.09 29.42 -1.95
N ARG A 172 19.70 28.68 -2.88
CA ARG A 172 20.81 27.76 -2.59
C ARG A 172 20.42 26.67 -1.60
N GLY A 173 19.16 26.23 -1.64
CA GLY A 173 18.72 25.11 -0.86
C GLY A 173 18.14 25.44 0.51
N HIS A 174 18.10 26.71 0.90
CA HIS A 174 17.61 27.09 2.21
C HIS A 174 16.28 27.82 2.09
N PRO A 175 15.29 27.49 2.92
CA PRO A 175 14.00 28.16 2.82
C PRO A 175 14.03 29.54 3.46
N GLY A 176 13.20 30.43 2.89
CA GLY A 176 13.15 31.80 3.32
C GLY A 176 11.94 32.10 4.21
N GLU A 177 11.75 33.39 4.48
CA GLU A 177 10.66 33.82 5.34
C GLU A 177 9.31 33.51 4.71
N TRP A 178 8.34 33.17 5.55
CA TRP A 178 6.98 32.94 5.06
C TRP A 178 6.41 34.23 4.49
N GLN A 179 5.71 34.12 3.37
CA GLN A 179 5.14 35.27 2.69
C GLN A 179 3.68 34.99 2.35
N GLY A 180 2.91 36.07 2.22
CA GLY A 180 1.50 35.97 1.92
C GLY A 180 0.63 36.78 2.86
N PRO A 181 -0.67 36.46 2.91
CA PRO A 181 -1.32 35.42 2.09
C PRO A 181 -1.51 35.83 0.64
N THR A 182 -1.75 34.84 -0.22
CA THR A 182 -1.95 35.08 -1.64
C THR A 182 -2.78 33.94 -2.22
N GLN A 183 -3.40 34.22 -3.37
CA GLN A 183 -4.29 33.26 -3.99
C GLN A 183 -3.51 32.15 -4.69
N VAL A 184 -3.97 30.92 -4.52
CA VAL A 184 -3.43 29.76 -5.23
C VAL A 184 -3.98 29.81 -6.65
N LEU A 185 -3.16 30.23 -7.60
CA LEU A 185 -3.64 30.35 -8.98
C LEU A 185 -3.90 28.99 -9.62
N TRP A 186 -3.12 27.97 -9.25
CA TRP A 186 -3.26 26.65 -9.86
C TRP A 186 -2.60 25.63 -8.95
N GLY A 187 -3.37 24.63 -8.54
CA GLY A 187 -2.83 23.52 -7.77
C GLY A 187 -2.41 22.38 -8.69
N GLY A 188 -1.12 22.04 -8.66
CA GLY A 188 -0.59 20.96 -9.47
C GLY A 188 -0.22 19.74 -8.66
N ASP A 189 0.57 18.87 -9.27
CA ASP A 189 1.06 17.66 -8.62
C ASP A 189 2.38 17.97 -7.92
N GLY A 190 2.29 18.32 -6.65
CA GLY A 190 3.46 18.69 -5.87
C GLY A 190 3.92 20.12 -6.04
N ALA A 191 3.12 20.96 -6.69
CA ALA A 191 3.51 22.35 -6.91
C ALA A 191 2.26 23.21 -7.09
N ILE A 192 2.39 24.49 -6.75
CA ILE A 192 1.35 25.48 -6.98
C ILE A 192 1.98 26.68 -7.67
N VAL A 193 1.12 27.51 -8.25
CA VAL A 193 1.52 28.74 -8.92
C VAL A 193 0.84 29.91 -8.22
N VAL A 194 1.63 30.92 -7.86
CA VAL A 194 1.12 32.14 -7.24
C VAL A 194 1.79 33.33 -7.91
N LYS A 195 1.14 34.49 -7.80
CA LYS A 195 1.69 35.73 -8.32
C LYS A 195 2.21 36.58 -7.16
N ASP A 196 3.48 36.98 -7.26
CA ASP A 196 4.12 37.77 -6.21
C ASP A 196 3.69 39.23 -6.35
N ARG A 197 3.09 39.78 -5.30
CA ARG A 197 2.72 41.19 -5.33
C ARG A 197 3.95 42.09 -5.31
N GLY A 198 5.05 41.63 -4.72
CA GLY A 198 6.22 42.48 -4.59
C GLY A 198 6.94 42.69 -5.92
N THR A 199 7.27 41.61 -6.61
CA THR A 199 8.01 41.68 -7.86
C THR A 199 7.12 41.64 -9.10
N ASP A 200 5.83 41.35 -8.94
CA ASP A 200 4.87 41.26 -10.04
C ASP A 200 5.36 40.28 -11.12
N ARG A 201 5.72 39.08 -10.68
CA ARG A 201 6.05 37.98 -11.56
C ARG A 201 5.40 36.71 -11.01
N TYR A 202 5.14 35.77 -11.91
CA TYR A 202 4.56 34.49 -11.50
C TYR A 202 5.64 33.61 -10.90
N LEU A 203 5.23 32.73 -9.97
CA LEU A 203 6.15 31.85 -9.27
C LEU A 203 5.55 30.46 -9.18
N VAL A 204 6.43 29.47 -8.98
CA VAL A 204 6.04 28.09 -8.74
C VAL A 204 6.65 27.65 -7.42
N ILE A 205 5.81 27.14 -6.51
CA ILE A 205 6.22 26.73 -5.18
C ILE A 205 5.90 25.25 -5.01
N ALA A 206 6.78 24.54 -4.29
CA ALA A 206 6.56 23.12 -4.00
C ALA A 206 5.68 22.96 -2.77
N ASN A 207 5.12 21.76 -2.62
CA ASN A 207 4.13 21.52 -1.56
C ASN A 207 4.72 21.75 -0.17
N LYS A 208 5.98 21.40 0.03
CA LYS A 208 6.59 21.55 1.36
C LYS A 208 6.94 23.00 1.69
N ASP A 209 6.81 23.91 0.73
CA ASP A 209 6.98 25.34 0.97
C ASP A 209 5.66 26.09 0.93
N VAL A 210 4.54 25.40 1.17
CA VAL A 210 3.21 25.99 1.11
C VAL A 210 2.45 25.62 2.38
N LYS A 211 1.84 26.61 3.02
CA LYS A 211 0.89 26.41 4.12
C LYS A 211 -0.46 26.91 3.65
N PHE A 212 -1.37 25.97 3.37
CA PHE A 212 -2.70 26.35 2.91
C PHE A 212 -3.53 26.95 4.05
N ILE A 213 -4.46 27.80 3.68
CA ILE A 213 -5.39 28.42 4.63
C ILE A 213 -6.73 27.70 4.50
N PRO A 214 -7.31 27.21 5.60
CA PRO A 214 -8.48 26.33 5.50
C PRO A 214 -9.72 27.10 5.08
N PRO A 215 -10.57 26.48 4.25
CA PRO A 215 -11.87 27.08 3.93
C PRO A 215 -12.71 27.27 5.18
N PRO A 216 -13.70 28.18 5.16
CA PRO A 216 -14.55 28.58 6.28
C PRO A 216 -14.76 27.53 7.37
#